data_4F1P
#
_entry.id   4F1P
#
_cell.length_a   107.561
_cell.length_b   163.460
_cell.length_c   41.184
_cell.angle_alpha   90.00
_cell.angle_beta   90.00
_cell.angle_gamma   90.00
#
_symmetry.space_group_name_H-M   'P 21 21 2'
#
loop_
_entity.id
_entity.type
_entity.pdbx_description
1 polymer 'Arf-GAP with coiled-coil, ANK repeat and PH domain-containing protein 1'
2 non-polymer 'ZINC ION'
3 non-polymer 'SULFATE ION'
4 water water
#
_entity_poly.entity_id   1
_entity_poly.type   'polypeptide(L)'
_entity_poly.pdbx_seq_one_letter_code
;GPLGSGSGHLAIGSAATLGSGGMARGREPGGVGHVVAQVQSVDGNAQCCDCREPAPEWASINLGVTLCIQCSGIHRSLGV
HFSKVRSLTLDSWEPELVKLMCELGNVIINQIYEARVEAMAVKKPGPSCSRQEKEAWIHAKYVEKKFLTKLPEIRGRRGG
RGRPRGQPPVPPKPSIRPRPGDLRSKPEPPSEDLGSLHPGALLFRASGHPPSLPTMADALAHGADVNWVNGGQDNATPLI
QATAANSLLACEFLLQNGANVNQADSAGRGPLHHATILGHTGLACLFLKRGADLGARDSEGRDPLTIAMETANADIVTLL
RLAKMREAEAAQGQAGDETYLDIFRDFSLMASDDPEKLSRRSHDLHTL
;
_entity_poly.pdbx_strand_id   A,B
#
# COMPACT_ATOMS: atom_id res chain seq x y z
N VAL A 35 18.09 9.05 9.35
CA VAL A 35 16.66 9.42 9.56
C VAL A 35 16.13 8.76 10.83
N VAL A 36 16.30 7.45 10.90
CA VAL A 36 15.78 6.64 12.00
C VAL A 36 16.49 7.00 13.32
N ALA A 37 17.77 7.37 13.22
CA ALA A 37 18.54 7.78 14.37
C ALA A 37 18.08 9.16 14.81
N GLN A 38 17.83 10.02 13.84
CA GLN A 38 17.39 11.38 14.10
C GLN A 38 15.97 11.41 14.68
N VAL A 39 15.06 10.63 14.11
CA VAL A 39 13.65 10.61 14.54
C VAL A 39 13.44 9.88 15.88
N GLN A 40 14.19 8.78 16.07
CA GLN A 40 14.21 8.07 17.36
C GLN A 40 14.89 8.86 18.48
N SER A 41 15.69 9.86 18.13
CA SER A 41 16.39 10.66 19.14
C SER A 41 15.48 11.68 19.84
N VAL A 42 14.28 11.88 19.32
CA VAL A 42 13.31 12.83 19.88
C VAL A 42 12.64 12.24 21.13
N ASP A 43 12.39 13.10 22.14
CA ASP A 43 11.71 12.74 23.40
C ASP A 43 10.59 11.74 23.21
N GLY A 44 10.82 10.53 23.73
CA GLY A 44 9.80 9.48 23.74
C GLY A 44 9.60 8.72 22.43
N ASN A 45 10.36 9.07 21.40
CA ASN A 45 10.23 8.42 20.10
C ASN A 45 10.90 7.04 19.98
N ALA A 46 11.64 6.65 21.02
CA ALA A 46 12.30 5.33 21.06
C ALA A 46 11.39 4.26 21.65
N GLN A 47 10.18 4.63 22.05
CA GLN A 47 9.12 3.69 22.43
C GLN A 47 7.94 3.90 21.48
N CYS A 48 7.36 2.82 20.97
CA CYS A 48 6.19 2.94 20.09
C CYS A 48 5.13 3.84 20.73
N CYS A 49 4.54 4.71 19.91
CA CYS A 49 3.53 5.65 20.38
C CYS A 49 2.33 4.94 21.00
N ASP A 50 2.01 3.74 20.52
CA ASP A 50 0.75 3.11 20.91
C ASP A 50 0.85 1.98 21.93
N CYS A 51 1.99 1.27 21.95
CA CYS A 51 2.16 0.13 22.86
C CYS A 51 3.49 0.17 23.58
N ARG A 52 4.32 1.14 23.21
CA ARG A 52 5.62 1.39 23.88
C ARG A 52 6.69 0.37 23.53
N GLU A 53 6.44 -0.44 22.50
CA GLU A 53 7.45 -1.35 21.95
C GLU A 53 8.72 -0.55 21.68
N PRO A 54 9.87 -1.06 22.15
CA PRO A 54 11.14 -0.36 21.98
C PRO A 54 11.61 -0.27 20.53
N ALA A 55 12.43 0.73 20.24
CA ALA A 55 13.06 0.94 18.93
C ALA A 55 12.11 0.86 17.73
N PRO A 56 11.03 1.66 17.73
CA PRO A 56 10.06 1.62 16.62
C PRO A 56 10.68 2.15 15.31
N GLU A 57 10.52 1.40 14.22
CA GLU A 57 11.16 1.76 12.96
C GLU A 57 10.17 2.28 11.91
N TRP A 58 8.92 2.47 12.31
CA TRP A 58 7.87 2.98 11.43
C TRP A 58 7.34 4.29 11.94
N ALA A 59 6.64 5.02 11.08
CA ALA A 59 6.13 6.34 11.44
C ALA A 59 4.77 6.60 10.84
N SER A 60 3.99 7.44 11.52
CA SER A 60 2.82 8.08 10.92
C SER A 60 3.20 9.54 10.65
N ILE A 61 3.21 9.92 9.36
CA ILE A 61 3.73 11.24 8.95
C ILE A 61 2.73 12.40 9.03
N ASN A 62 1.44 12.10 9.17
CA ASN A 62 0.45 13.15 9.42
C ASN A 62 0.23 13.37 10.91
N LEU A 63 0.42 12.30 11.69
CA LEU A 63 0.30 12.38 13.16
C LEU A 63 1.61 12.82 13.79
N GLY A 64 2.73 12.46 13.16
CA GLY A 64 4.05 12.84 13.64
C GLY A 64 4.56 11.95 14.75
N VAL A 65 4.29 10.64 14.62
CA VAL A 65 4.65 9.64 15.63
C VAL A 65 5.44 8.46 15.06
N THR A 66 6.15 7.79 15.96
CA THR A 66 6.85 6.55 15.65
C THR A 66 6.06 5.34 16.15
N LEU A 67 6.07 4.29 15.34
CA LEU A 67 5.26 3.10 15.56
C LEU A 67 6.10 1.84 15.35
N CYS A 68 5.75 0.78 16.09
CA CYS A 68 6.39 -0.51 15.93
C CYS A 68 5.77 -1.24 14.74
N ILE A 69 6.38 -2.34 14.30
CA ILE A 69 5.85 -3.13 13.17
C ILE A 69 4.35 -3.41 13.35
N GLN A 70 3.98 -3.89 14.53
CA GLN A 70 2.60 -4.30 14.79
C GLN A 70 1.60 -3.13 14.77
N CYS A 71 1.96 -2.01 15.40
CA CYS A 71 1.06 -0.89 15.45
C CYS A 71 0.98 -0.14 14.10
N SER A 72 2.08 -0.12 13.35
CA SER A 72 2.07 0.45 12.01
C SER A 72 1.13 -0.34 11.11
N GLY A 73 1.16 -1.67 11.25
CA GLY A 73 0.27 -2.58 10.53
C GLY A 73 -1.18 -2.22 10.77
N ILE A 74 -1.52 -1.96 12.03
CA ILE A 74 -2.86 -1.53 12.41
C ILE A 74 -3.20 -0.14 11.87
N HIS A 75 -2.28 0.81 11.95
CA HIS A 75 -2.52 2.14 11.34
C HIS A 75 -2.92 2.06 9.88
N ARG A 76 -2.34 1.11 9.14
CA ARG A 76 -2.71 0.87 7.73
C ARG A 76 -4.19 0.52 7.54
N SER A 77 -4.79 -0.10 8.56
CA SER A 77 -6.23 -0.41 8.59
C SER A 77 -7.10 0.84 8.57
N LEU A 78 -6.57 1.93 9.09
CA LEU A 78 -7.37 3.12 9.40
C LEU A 78 -7.68 3.95 8.17
N GLY A 79 -6.77 3.94 7.20
CA GLY A 79 -6.91 4.72 5.98
C GLY A 79 -6.15 6.02 6.09
N VAL A 80 -5.85 6.64 4.94
CA VAL A 80 -4.96 7.82 4.90
C VAL A 80 -5.48 9.03 5.68
N HIS A 81 -6.80 9.16 5.80
CA HIS A 81 -7.38 10.26 6.57
C HIS A 81 -6.95 10.26 8.00
N PHE A 82 -6.73 9.07 8.56
CA PHE A 82 -6.30 8.97 9.95
C PHE A 82 -4.79 8.88 10.10
N SER A 83 -4.14 8.16 9.19
CA SER A 83 -2.72 7.85 9.35
C SER A 83 -2.02 7.49 8.03
N LYS A 84 -0.89 8.14 7.78
CA LYS A 84 -0.04 7.84 6.63
C LYS A 84 1.24 7.18 7.15
N VAL A 85 1.35 5.88 6.91
CA VAL A 85 2.42 5.06 7.47
C VAL A 85 3.63 5.04 6.54
N ARG A 86 4.81 5.28 7.12
CA ARG A 86 6.07 5.29 6.41
C ARG A 86 7.17 4.60 7.22
N SER A 87 8.16 4.08 6.52
CA SER A 87 9.31 3.45 7.14
C SER A 87 10.41 4.47 7.39
N LEU A 88 10.93 4.49 8.62
CA LEU A 88 12.09 5.32 8.96
C LEU A 88 13.37 4.85 8.27
N THR A 89 13.43 3.56 7.96
CA THR A 89 14.64 2.94 7.40
C THR A 89 14.54 2.63 5.91
N LEU A 90 13.34 2.32 5.42
CA LEU A 90 13.20 1.83 4.04
C LEU A 90 12.77 2.89 3.02
N ASP A 91 12.19 3.99 3.50
CA ASP A 91 11.67 5.05 2.63
C ASP A 91 12.54 6.30 2.68
N SER A 92 12.48 7.10 1.61
CA SER A 92 13.15 8.40 1.57
C SER A 92 12.36 9.43 2.36
N TRP A 93 13.07 10.36 2.99
CA TRP A 93 12.45 11.42 3.78
C TRP A 93 12.93 12.78 3.37
N GLU A 94 11.98 13.65 3.01
CA GLU A 94 12.25 15.05 2.72
C GLU A 94 12.73 15.77 3.98
N PRO A 95 13.79 16.59 3.88
CA PRO A 95 14.36 17.28 5.06
C PRO A 95 13.32 17.95 5.96
N GLU A 96 12.38 18.66 5.35
CA GLU A 96 11.29 19.34 6.08
C GLU A 96 10.43 18.36 6.86
N LEU A 97 10.19 17.19 6.29
CA LEU A 97 9.36 16.19 6.96
C LEU A 97 10.08 15.57 8.17
N VAL A 98 11.39 15.37 8.05
CA VAL A 98 12.21 14.94 9.18
C VAL A 98 12.12 15.98 10.30
N LYS A 99 12.25 17.25 9.92
CA LYS A 99 12.13 18.37 10.87
C LYS A 99 10.76 18.40 11.51
N LEU A 100 9.71 18.23 10.70
CA LEU A 100 8.35 18.15 11.21
C LEU A 100 8.22 17.07 12.29
N MET A 101 8.74 15.88 12.02
N MET A 101 8.73 15.88 12.03
CA MET A 101 8.71 14.77 12.99
CA MET A 101 8.69 14.78 13.00
C MET A 101 9.37 15.16 14.30
C MET A 101 9.38 15.15 14.31
N CYS A 102 10.48 15.90 14.22
CA CYS A 102 11.26 16.32 15.40
C CYS A 102 10.60 17.40 16.26
N GLU A 103 9.61 18.10 15.70
CA GLU A 103 8.85 19.11 16.43
C GLU A 103 7.58 18.53 17.04
N LEU A 104 7.19 17.34 16.63
CA LEU A 104 6.07 16.68 17.25
C LEU A 104 6.59 15.51 18.08
N GLY A 105 6.24 14.29 17.69
CA GLY A 105 6.74 13.11 18.39
C GLY A 105 5.78 12.55 19.40
N ASN A 106 6.11 11.37 19.91
CA ASN A 106 5.24 10.57 20.77
C ASN A 106 4.76 11.29 22.02
N VAL A 107 5.70 11.90 22.75
CA VAL A 107 5.35 12.60 23.98
C VAL A 107 4.30 13.69 23.72
N ILE A 108 4.56 14.56 22.75
N ILE A 108 4.56 14.56 22.75
CA ILE A 108 3.65 15.65 22.40
CA ILE A 108 3.65 15.64 22.41
C ILE A 108 2.28 15.13 21.96
C ILE A 108 2.27 15.15 21.95
N ILE A 109 2.27 14.15 21.07
CA ILE A 109 1.02 13.60 20.52
C ILE A 109 0.20 12.79 21.54
N ASN A 110 0.89 12.04 22.40
CA ASN A 110 0.22 11.33 23.49
C ASN A 110 -0.39 12.26 24.53
N GLN A 111 0.25 13.41 24.75
CA GLN A 111 -0.29 14.44 25.63
C GLN A 111 -1.65 14.91 25.13
N ILE A 112 -1.86 14.80 23.82
CA ILE A 112 -3.14 15.10 23.19
C ILE A 112 -4.05 13.86 23.18
N TYR A 113 -3.62 12.82 22.48
CA TYR A 113 -4.48 11.67 22.17
C TYR A 113 -4.72 10.70 23.33
N GLU A 114 -3.88 10.79 24.35
CA GLU A 114 -4.01 9.96 25.55
C GLU A 114 -4.14 10.83 26.81
N ALA A 115 -4.59 12.06 26.61
CA ALA A 115 -4.72 13.04 27.68
C ALA A 115 -5.50 12.52 28.88
N ARG A 116 -6.63 11.89 28.63
CA ARG A 116 -7.57 11.51 29.69
C ARG A 116 -7.48 10.04 30.06
N VAL A 117 -6.42 9.37 29.64
CA VAL A 117 -6.20 7.96 29.95
C VAL A 117 -6.10 7.73 31.46
N GLU A 118 -5.29 8.56 32.13
CA GLU A 118 -5.08 8.42 33.57
C GLU A 118 -6.34 8.76 34.37
N ALA A 119 -7.12 9.72 33.87
CA ALA A 119 -8.40 10.08 34.47
C ALA A 119 -9.47 9.00 34.25
N MET A 120 -9.46 8.37 33.08
CA MET A 120 -10.43 7.32 32.75
C MET A 120 -10.11 5.97 33.37
N ALA A 121 -9.01 5.89 34.13
CA ALA A 121 -8.53 4.66 34.76
C ALA A 121 -8.43 3.49 33.75
N VAL A 122 -8.15 3.84 32.50
CA VAL A 122 -8.09 2.86 31.43
C VAL A 122 -6.63 2.42 31.22
N LYS A 123 -6.44 1.27 30.59
CA LYS A 123 -5.14 0.60 30.57
C LYS A 123 -4.53 0.54 29.17
N LYS A 124 -3.44 1.28 28.97
CA LYS A 124 -2.73 1.31 27.70
C LYS A 124 -1.99 -0.01 27.48
N PRO A 125 -2.09 -0.58 26.28
CA PRO A 125 -1.41 -1.83 25.97
C PRO A 125 0.11 -1.71 26.06
N GLY A 126 0.75 -2.78 26.51
CA GLY A 126 2.20 -2.90 26.47
C GLY A 126 2.69 -3.63 25.22
N PRO A 127 4.01 -3.81 25.08
CA PRO A 127 4.63 -4.46 23.91
C PRO A 127 4.10 -5.87 23.66
N SER A 128 3.86 -6.62 24.72
CA SER A 128 3.51 -8.05 24.61
C SER A 128 2.01 -8.32 24.43
N CYS A 129 1.21 -7.25 24.43
CA CYS A 129 -0.24 -7.39 24.28
C CYS A 129 -0.67 -7.92 22.92
N SER A 130 -1.84 -8.55 22.91
CA SER A 130 -2.50 -9.07 21.72
C SER A 130 -2.65 -8.03 20.59
N ARG A 131 -2.69 -8.50 19.34
CA ARG A 131 -2.96 -7.62 18.20
C ARG A 131 -4.35 -6.98 18.36
N GLN A 132 -5.30 -7.75 18.86
CA GLN A 132 -6.67 -7.30 19.02
C GLN A 132 -6.78 -6.20 20.09
N GLU A 133 -6.02 -6.35 21.17
CA GLU A 133 -6.00 -5.35 22.23
C GLU A 133 -5.37 -4.06 21.69
N LYS A 134 -4.29 -4.18 20.93
CA LYS A 134 -3.68 -3.03 20.28
C LYS A 134 -4.63 -2.39 19.24
N GLU A 135 -5.34 -3.22 18.46
CA GLU A 135 -6.34 -2.71 17.50
C GLU A 135 -7.42 -1.87 18.18
N ALA A 136 -7.94 -2.38 19.29
CA ALA A 136 -8.99 -1.71 20.04
C ALA A 136 -8.52 -0.39 20.67
N TRP A 137 -7.24 -0.34 21.05
CA TRP A 137 -6.66 0.86 21.62
C TRP A 137 -6.42 1.90 20.57
N ILE A 138 -5.86 1.47 19.44
CA ILE A 138 -5.52 2.37 18.33
C ILE A 138 -6.79 2.98 17.72
N HIS A 139 -7.82 2.16 17.52
CA HIS A 139 -9.12 2.61 17.03
C HIS A 139 -9.80 3.56 18.00
N ALA A 140 -9.66 3.31 19.30
CA ALA A 140 -10.26 4.17 20.31
C ALA A 140 -9.53 5.50 20.39
N LYS A 141 -8.21 5.42 20.24
CA LYS A 141 -7.31 6.56 20.36
C LYS A 141 -7.49 7.54 19.21
N TYR A 142 -7.43 7.03 17.98
CA TYR A 142 -7.40 7.90 16.80
C TYR A 142 -8.73 8.06 16.08
N VAL A 143 -9.53 6.99 16.04
CA VAL A 143 -10.79 7.04 15.31
C VAL A 143 -11.90 7.58 16.21
N GLU A 144 -12.14 6.87 17.32
CA GLU A 144 -13.17 7.23 18.29
C GLU A 144 -12.80 8.52 19.05
N LYS A 145 -11.50 8.80 19.16
CA LYS A 145 -10.96 9.98 19.87
C LYS A 145 -11.34 9.93 21.35
N LYS A 146 -11.29 8.73 21.91
CA LYS A 146 -11.89 8.44 23.21
C LYS A 146 -11.20 9.13 24.40
N PHE A 147 -9.91 9.40 24.28
CA PHE A 147 -9.12 9.88 25.42
C PHE A 147 -8.78 11.36 25.37
N LEU A 148 -9.32 12.06 24.38
CA LEU A 148 -9.15 13.51 24.22
C LEU A 148 -9.79 14.29 25.37
N THR A 149 -9.26 15.48 25.64
CA THR A 149 -9.97 16.43 26.50
C THR A 149 -11.21 16.92 25.73
N LYS A 150 -12.13 17.57 26.43
CA LYS A 150 -13.29 18.18 25.77
C LYS A 150 -12.83 19.27 24.79
N LEU A 151 -11.97 20.16 25.26
CA LEU A 151 -11.51 21.34 24.52
C LEU A 151 -10.02 21.23 24.15
N PRO A 152 -9.64 21.68 22.93
CA PRO A 152 -8.25 21.61 22.46
C PRO A 152 -7.28 22.53 23.23
N LEU A 197 -12.91 25.90 22.53
CA LEU A 197 -14.30 25.84 22.05
C LEU A 197 -14.42 26.00 20.53
N HIS A 198 -13.36 26.48 19.88
CA HIS A 198 -13.34 26.62 18.42
C HIS A 198 -12.08 26.06 17.77
N PRO A 199 -12.10 24.75 17.46
CA PRO A 199 -10.93 24.05 16.92
C PRO A 199 -10.40 24.65 15.62
N GLY A 200 -11.30 25.06 14.73
CA GLY A 200 -10.92 25.64 13.45
C GLY A 200 -10.18 26.96 13.59
N ALA A 201 -10.75 27.85 14.39
CA ALA A 201 -10.15 29.14 14.72
C ALA A 201 -8.80 29.00 15.43
N LEU A 202 -8.71 28.01 16.34
CA LEU A 202 -7.47 27.73 17.06
C LEU A 202 -6.38 27.25 16.12
N LEU A 203 -6.74 26.34 15.21
CA LEU A 203 -5.82 25.88 14.18
C LEU A 203 -5.32 27.08 13.38
N PHE A 204 -6.25 27.92 12.95
CA PHE A 204 -5.94 29.17 12.24
C PHE A 204 -4.92 30.01 13.01
N ARG A 205 -5.20 30.31 14.28
CA ARG A 205 -4.30 31.09 15.14
C ARG A 205 -2.91 30.44 15.30
N ALA A 206 -2.90 29.13 15.52
CA ALA A 206 -1.67 28.38 15.77
C ALA A 206 -0.80 28.18 14.51
N SER A 207 -1.42 28.29 13.33
CA SER A 207 -0.70 28.18 12.05
C SER A 207 0.07 29.46 11.69
N GLY A 208 -0.34 30.58 12.28
CA GLY A 208 0.26 31.88 11.97
C GLY A 208 1.45 32.18 12.86
N HIS A 209 2.16 33.26 12.54
CA HIS A 209 3.40 33.62 13.25
C HIS A 209 3.16 34.00 14.68
N PRO A 210 3.90 33.37 15.62
CA PRO A 210 4.83 32.24 15.44
C PRO A 210 4.11 30.89 15.61
N PRO A 211 4.28 29.96 14.64
CA PRO A 211 3.51 28.73 14.63
C PRO A 211 3.74 27.82 15.82
N SER A 212 2.65 27.25 16.34
CA SER A 212 2.73 26.24 17.38
C SER A 212 2.19 24.93 16.83
N LEU A 213 3.10 24.06 16.40
CA LEU A 213 2.74 22.75 15.89
C LEU A 213 2.01 21.85 16.90
N PRO A 214 2.41 21.85 18.18
CA PRO A 214 1.63 21.06 19.17
C PRO A 214 0.17 21.52 19.32
N THR A 215 -0.07 22.82 19.21
CA THR A 215 -1.42 23.38 19.27
C THR A 215 -2.19 23.05 17.98
N MET A 216 -1.49 23.10 16.85
CA MET A 216 -2.10 22.74 15.56
C MET A 216 -2.57 21.29 15.59
N ALA A 217 -1.71 20.42 16.12
CA ALA A 217 -2.02 19.01 16.30
C ALA A 217 -3.20 18.80 17.24
N ASP A 218 -3.22 19.58 18.33
CA ASP A 218 -4.30 19.52 19.32
C ASP A 218 -5.63 19.94 18.68
N ALA A 219 -5.58 21.01 17.88
CA ALA A 219 -6.76 21.52 17.20
C ALA A 219 -7.30 20.50 16.20
N LEU A 220 -6.39 19.88 15.46
CA LEU A 220 -6.73 18.87 14.46
C LEU A 220 -7.38 17.65 15.09
N ALA A 221 -6.79 17.16 16.17
CA ALA A 221 -7.38 16.06 16.94
C ALA A 221 -8.83 16.35 17.37
N HIS A 222 -9.11 17.60 17.74
CA HIS A 222 -10.45 17.99 18.17
C HIS A 222 -11.39 18.33 17.05
N GLY A 223 -11.04 17.95 15.82
CA GLY A 223 -11.92 18.08 14.67
C GLY A 223 -11.81 19.34 13.83
N ALA A 224 -10.77 20.14 14.05
CA ALA A 224 -10.55 21.36 13.24
C ALA A 224 -10.53 21.03 11.76
N ASP A 225 -11.29 21.78 10.98
CA ASP A 225 -11.23 21.69 9.52
C ASP A 225 -9.85 22.19 9.10
N VAL A 226 -9.11 21.33 8.41
CA VAL A 226 -7.78 21.67 7.95
C VAL A 226 -7.84 22.81 6.91
N ASN A 227 -9.01 22.97 6.29
CA ASN A 227 -9.28 24.01 5.29
C ASN A 227 -10.23 25.10 5.80
N TRP A 228 -10.18 25.33 7.11
CA TRP A 228 -11.01 26.33 7.79
C TRP A 228 -10.89 27.67 7.14
N VAL A 229 -12.03 28.30 6.89
CA VAL A 229 -12.09 29.58 6.21
C VAL A 229 -12.37 30.66 7.25
N ASN A 230 -11.55 31.71 7.27
CA ASN A 230 -11.70 32.81 8.22
C ASN A 230 -12.82 33.77 7.78
N GLY A 231 -14.06 33.34 7.98
CA GLY A 231 -15.23 34.03 7.44
C GLY A 231 -15.48 35.44 7.95
N GLY A 232 -16.35 36.16 7.26
CA GLY A 232 -16.63 37.57 7.57
C GLY A 232 -15.40 38.47 7.44
N GLN A 233 -14.23 37.90 7.65
CA GLN A 233 -12.95 38.62 7.63
C GLN A 233 -12.30 38.54 6.25
N ASP A 234 -11.16 37.84 6.16
CA ASP A 234 -10.39 37.77 4.91
C ASP A 234 -10.58 36.45 4.13
N ASN A 235 -11.30 35.51 4.75
CA ASN A 235 -11.54 34.16 4.22
C ASN A 235 -10.27 33.35 3.99
N ALA A 236 -9.24 33.67 4.76
CA ALA A 236 -7.97 32.96 4.67
C ALA A 236 -8.06 31.61 5.36
N THR A 237 -7.06 30.78 5.10
CA THR A 237 -7.00 29.41 5.59
C THR A 237 -5.82 29.26 6.54
N PRO A 238 -5.76 28.15 7.29
CA PRO A 238 -4.54 27.85 8.05
C PRO A 238 -3.28 27.80 7.17
N LEU A 239 -3.39 27.20 5.99
CA LEU A 239 -2.27 27.14 5.05
C LEU A 239 -1.80 28.54 4.66
N ILE A 240 -2.73 29.44 4.35
CA ILE A 240 -2.39 30.83 4.08
C ILE A 240 -1.71 31.52 5.28
N GLN A 241 -2.21 31.26 6.48
CA GLN A 241 -1.52 31.71 7.71
C GLN A 241 -0.08 31.19 7.82
N ALA A 242 0.12 29.92 7.48
CA ALA A 242 1.44 29.31 7.59
C ALA A 242 2.38 29.92 6.54
N THR A 243 1.80 30.33 5.42
CA THR A 243 2.53 30.98 4.35
C THR A 243 2.97 32.38 4.78
N ALA A 244 2.04 33.14 5.38
CA ALA A 244 2.37 34.47 5.93
C ALA A 244 3.44 34.40 7.03
N ALA A 245 3.46 33.30 7.78
CA ALA A 245 4.43 33.08 8.83
C ALA A 245 5.80 32.63 8.29
N ASN A 246 5.87 32.40 6.97
CA ASN A 246 7.02 31.76 6.36
C ASN A 246 7.45 30.48 7.11
N SER A 247 6.47 29.66 7.44
CA SER A 247 6.74 28.43 8.17
C SER A 247 6.57 27.17 7.29
N LEU A 248 7.70 26.68 6.80
CA LEU A 248 7.79 25.42 6.09
C LEU A 248 7.19 24.27 6.89
N LEU A 249 7.49 24.23 8.20
CA LEU A 249 7.01 23.16 9.07
C LEU A 249 5.49 23.13 9.19
N ALA A 250 4.89 24.29 9.43
CA ALA A 250 3.43 24.39 9.55
C ALA A 250 2.70 24.10 8.24
N CYS A 251 3.26 24.56 7.12
CA CYS A 251 2.71 24.24 5.80
C CYS A 251 2.75 22.74 5.55
N GLU A 252 3.91 22.15 5.83
CA GLU A 252 4.12 20.72 5.64
C GLU A 252 3.12 19.94 6.48
N PHE A 253 2.99 20.31 7.74
CA PHE A 253 2.05 19.65 8.64
C PHE A 253 0.60 19.73 8.13
N LEU A 254 0.21 20.89 7.63
CA LEU A 254 -1.16 21.07 7.12
C LEU A 254 -1.37 20.27 5.85
N LEU A 255 -0.37 20.26 4.99
CA LEU A 255 -0.47 19.49 3.76
C LEU A 255 -0.53 18.00 4.04
N GLN A 256 0.29 17.52 4.98
CA GLN A 256 0.23 16.11 5.41
C GLN A 256 -1.16 15.74 5.92
N ASN A 257 -1.83 16.72 6.53
CA ASN A 257 -3.17 16.53 7.06
C ASN A 257 -4.32 16.94 6.14
N GLY A 258 -4.04 17.05 4.84
CA GLY A 258 -5.10 17.15 3.84
C GLY A 258 -5.48 18.55 3.37
N ALA A 259 -4.69 19.55 3.73
CA ALA A 259 -4.94 20.91 3.27
C ALA A 259 -4.95 20.99 1.74
N ASN A 260 -5.91 21.72 1.21
CA ASN A 260 -6.04 21.97 -0.22
C ASN A 260 -5.01 23.03 -0.57
N VAL A 261 -3.98 22.60 -1.30
CA VAL A 261 -2.92 23.47 -1.76
C VAL A 261 -3.47 24.62 -2.64
N ASN A 262 -4.66 24.45 -3.19
CA ASN A 262 -5.20 25.47 -4.09
C ASN A 262 -6.30 26.36 -3.51
N GLN A 263 -6.64 26.19 -2.24
CA GLN A 263 -7.75 26.97 -1.68
C GLN A 263 -7.41 28.44 -1.55
N ALA A 264 -8.20 29.29 -2.22
CA ALA A 264 -7.96 30.72 -2.28
C ALA A 264 -8.69 31.51 -1.17
N ASP A 265 -8.18 32.69 -0.84
CA ASP A 265 -8.91 33.64 -0.01
C ASP A 265 -9.99 34.36 -0.84
N SER A 266 -10.68 35.31 -0.20
CA SER A 266 -11.72 36.13 -0.83
C SER A 266 -11.26 36.86 -2.10
N ALA A 267 -9.97 37.18 -2.16
CA ALA A 267 -9.40 37.89 -3.30
C ALA A 267 -8.84 36.93 -4.36
N GLY A 268 -9.19 35.64 -4.25
CA GLY A 268 -8.74 34.63 -5.20
C GLY A 268 -7.28 34.23 -5.08
N ARG A 269 -6.64 34.59 -3.96
CA ARG A 269 -5.22 34.34 -3.78
C ARG A 269 -5.02 33.08 -2.95
N GLY A 270 -4.46 32.06 -3.61
CA GLY A 270 -4.18 30.80 -2.97
C GLY A 270 -2.80 30.83 -2.36
N PRO A 271 -2.40 29.73 -1.68
CA PRO A 271 -1.09 29.65 -1.03
C PRO A 271 0.08 30.06 -1.95
N LEU A 272 0.06 29.59 -3.19
CA LEU A 272 1.10 29.95 -4.15
C LEU A 272 1.15 31.46 -4.41
N HIS A 273 -0.01 32.10 -4.53
CA HIS A 273 -0.08 33.56 -4.66
C HIS A 273 0.57 34.25 -3.50
N HIS A 274 0.30 33.78 -2.29
CA HIS A 274 0.87 34.39 -1.09
C HIS A 274 2.33 34.13 -0.94
N ALA A 275 2.79 32.93 -1.29
CA ALA A 275 4.22 32.64 -1.28
C ALA A 275 4.94 33.62 -2.20
N THR A 276 4.36 33.85 -3.38
CA THR A 276 4.95 34.73 -4.39
C THR A 276 4.93 36.19 -3.97
N ILE A 277 3.78 36.67 -3.47
CA ILE A 277 3.67 38.04 -2.93
C ILE A 277 4.75 38.33 -1.89
N LEU A 278 4.96 37.39 -0.98
CA LEU A 278 5.86 37.59 0.16
C LEU A 278 7.32 37.21 -0.14
N GLY A 279 7.56 36.69 -1.35
CA GLY A 279 8.91 36.32 -1.78
C GLY A 279 9.48 35.09 -1.10
N HIS A 280 8.61 34.18 -0.64
CA HIS A 280 9.04 32.96 0.01
C HIS A 280 9.25 31.85 -0.98
N THR A 281 10.49 31.77 -1.46
CA THR A 281 10.90 30.86 -2.53
C THR A 281 10.72 29.40 -2.14
N GLY A 282 11.16 29.05 -0.94
CA GLY A 282 11.01 27.70 -0.37
C GLY A 282 9.56 27.24 -0.26
N LEU A 283 8.66 28.11 0.19
CA LEU A 283 7.23 27.77 0.25
C LEU A 283 6.63 27.60 -1.15
N ALA A 284 7.02 28.48 -2.08
CA ALA A 284 6.57 28.39 -3.46
C ALA A 284 6.97 27.05 -4.07
N CYS A 285 8.21 26.64 -3.81
CA CYS A 285 8.73 25.36 -4.28
C CYS A 285 7.93 24.19 -3.69
N LEU A 286 7.65 24.25 -2.38
CA LEU A 286 6.84 23.23 -1.71
C LEU A 286 5.46 23.09 -2.38
N PHE A 287 4.78 24.20 -2.60
CA PHE A 287 3.43 24.17 -3.16
C PHE A 287 3.41 23.62 -4.58
N LEU A 288 4.39 24.00 -5.38
CA LEU A 288 4.51 23.50 -6.75
C LEU A 288 4.73 22.00 -6.79
N LYS A 289 5.50 21.49 -5.84
CA LYS A 289 5.78 20.06 -5.72
C LYS A 289 4.52 19.28 -5.32
N ARG A 290 3.57 19.96 -4.70
CA ARG A 290 2.36 19.33 -4.19
C ARG A 290 1.14 19.57 -5.08
N GLY A 291 1.38 20.03 -6.31
CA GLY A 291 0.31 20.19 -7.30
C GLY A 291 -0.46 21.49 -7.24
N ALA A 292 0.18 22.57 -6.79
CA ALA A 292 -0.42 23.89 -6.86
C ALA A 292 -0.66 24.27 -8.33
N ASP A 293 -1.79 24.92 -8.57
CA ASP A 293 -2.23 25.33 -9.89
C ASP A 293 -1.44 26.59 -10.28
N LEU A 294 -0.58 26.42 -11.28
CA LEU A 294 0.24 27.48 -11.83
C LEU A 294 -0.57 28.58 -12.50
N GLY A 295 -1.68 28.21 -13.11
CA GLY A 295 -2.46 29.14 -13.91
C GLY A 295 -3.56 29.85 -13.16
N ALA A 296 -3.64 29.66 -11.86
CA ALA A 296 -4.74 30.23 -11.08
C ALA A 296 -4.61 31.75 -11.03
N ARG A 297 -5.68 32.43 -11.43
CA ARG A 297 -5.69 33.89 -11.49
C ARG A 297 -6.54 34.44 -10.34
N ASP A 298 -6.01 35.44 -9.63
CA ASP A 298 -6.71 36.05 -8.49
C ASP A 298 -7.74 37.10 -8.96
N SER A 299 -8.30 37.87 -8.01
CA SER A 299 -9.35 38.84 -8.34
C SER A 299 -8.82 40.03 -9.16
N GLU A 300 -7.50 40.17 -9.18
CA GLU A 300 -6.85 41.22 -9.98
C GLU A 300 -6.38 40.69 -11.34
N GLY A 301 -6.67 39.43 -11.61
CA GLY A 301 -6.33 38.79 -12.88
C GLY A 301 -4.89 38.32 -12.95
N ARG A 302 -4.21 38.30 -11.80
CA ARG A 302 -2.81 37.89 -11.73
C ARG A 302 -2.67 36.40 -11.43
N ASP A 303 -1.85 35.70 -12.24
CA ASP A 303 -1.37 34.37 -11.88
C ASP A 303 -0.07 34.55 -11.10
N PRO A 304 0.46 33.47 -10.50
CA PRO A 304 1.68 33.67 -9.71
C PRO A 304 2.89 34.22 -10.49
N LEU A 305 3.01 33.87 -11.77
CA LEU A 305 4.10 34.40 -12.60
C LEU A 305 4.02 35.92 -12.71
N THR A 306 2.81 36.43 -12.90
CA THR A 306 2.59 37.87 -13.00
C THR A 306 3.07 38.59 -11.73
N ILE A 307 2.70 38.06 -10.56
CA ILE A 307 3.13 38.63 -9.28
C ILE A 307 4.65 38.54 -9.14
N ALA A 308 5.22 37.41 -9.56
CA ALA A 308 6.66 37.21 -9.51
C ALA A 308 7.42 38.22 -10.39
N MET A 309 6.87 38.48 -11.58
CA MET A 309 7.43 39.50 -12.47
C MET A 309 7.28 40.90 -11.86
N GLU A 310 6.07 41.22 -11.41
CA GLU A 310 5.77 42.53 -10.83
C GLU A 310 6.57 42.84 -9.57
N THR A 311 6.94 41.82 -8.81
CA THR A 311 7.74 42.00 -7.60
C THR A 311 9.23 41.90 -7.87
N ALA A 312 9.60 41.79 -9.15
CA ALA A 312 10.99 41.62 -9.59
C ALA A 312 11.74 40.49 -8.85
N ASN A 313 11.09 39.32 -8.73
CA ASN A 313 11.67 38.17 -8.04
C ASN A 313 12.15 37.09 -9.03
N ALA A 314 13.42 37.17 -9.40
CA ALA A 314 14.02 36.26 -10.39
C ALA A 314 13.92 34.76 -10.04
N ASP A 315 14.06 34.45 -8.76
CA ASP A 315 14.02 33.06 -8.31
C ASP A 315 12.63 32.43 -8.48
N ILE A 316 11.58 33.14 -8.05
CA ILE A 316 10.23 32.59 -8.19
C ILE A 316 9.78 32.55 -9.65
N VAL A 317 10.12 33.59 -10.44
CA VAL A 317 9.89 33.55 -11.89
C VAL A 317 10.46 32.28 -12.53
N THR A 318 11.71 32.00 -12.21
CA THR A 318 12.40 30.81 -12.70
C THR A 318 11.73 29.51 -12.25
N LEU A 319 11.38 29.41 -10.97
CA LEU A 319 10.61 28.26 -10.44
C LEU A 319 9.36 28.00 -11.25
N LEU A 320 8.56 29.06 -11.42
CA LEU A 320 7.26 29.00 -12.07
C LEU A 320 7.37 28.62 -13.53
N ARG A 321 8.35 29.17 -14.22
CA ARG A 321 8.55 28.85 -15.63
C ARG A 321 9.03 27.42 -15.81
N LEU A 322 9.85 26.94 -14.89
CA LEU A 322 10.32 25.56 -14.92
C LEU A 322 9.16 24.61 -14.66
N ALA A 323 8.32 24.95 -13.69
CA ALA A 323 7.12 24.17 -13.34
C ALA A 323 6.13 24.07 -14.50
N LYS A 324 6.11 25.12 -15.33
CA LYS A 324 5.29 25.13 -16.54
C LYS A 324 5.81 24.12 -17.58
N MET A 325 7.13 24.12 -17.81
CA MET A 325 7.76 23.07 -18.60
C MET A 325 7.66 21.74 -17.86
N VAL B 35 -7.51 -5.86 4.36
CA VAL B 35 -6.79 -6.42 3.18
C VAL B 35 -5.51 -5.64 2.91
N VAL B 36 -5.62 -4.33 2.79
CA VAL B 36 -4.46 -3.48 2.53
C VAL B 36 -3.44 -3.58 3.67
N ALA B 37 -3.94 -3.60 4.91
CA ALA B 37 -3.09 -3.75 6.09
C ALA B 37 -2.33 -5.07 6.06
N GLN B 38 -3.03 -6.16 5.77
CA GLN B 38 -2.41 -7.48 5.80
C GLN B 38 -1.44 -7.66 4.62
N VAL B 39 -1.86 -7.23 3.44
CA VAL B 39 -1.03 -7.39 2.25
C VAL B 39 0.18 -6.46 2.27
N GLN B 40 -0.02 -5.20 2.67
CA GLN B 40 1.11 -4.26 2.75
C GLN B 40 2.10 -4.61 3.83
N SER B 41 1.67 -5.33 4.88
CA SER B 41 2.59 -5.60 5.98
C SER B 41 3.37 -6.91 5.85
N VAL B 42 3.26 -7.54 4.69
CA VAL B 42 4.14 -8.65 4.31
C VAL B 42 5.51 -8.08 3.95
N ASP B 43 6.55 -8.88 4.18
CA ASP B 43 7.96 -8.54 3.92
C ASP B 43 8.21 -7.84 2.58
N GLY B 44 8.55 -6.55 2.66
CA GLY B 44 8.81 -5.72 1.50
C GLY B 44 7.61 -5.16 0.75
N ASN B 45 6.40 -5.40 1.22
CA ASN B 45 5.22 -4.96 0.48
C ASN B 45 4.82 -3.50 0.72
N ALA B 46 5.41 -2.87 1.73
CA ALA B 46 5.14 -1.47 2.02
C ALA B 46 5.88 -0.50 1.08
N GLN B 47 6.64 -1.05 0.14
CA GLN B 47 7.29 -0.29 -0.93
C GLN B 47 6.93 -0.92 -2.27
N CYS B 48 6.60 -0.10 -3.26
CA CYS B 48 6.28 -0.60 -4.58
C CYS B 48 7.35 -1.58 -5.08
N CYS B 49 6.90 -2.71 -5.61
CA CYS B 49 7.80 -3.73 -6.15
C CYS B 49 8.75 -3.16 -7.21
N ASP B 50 8.26 -2.23 -8.02
CA ASP B 50 9.01 -1.77 -9.18
C ASP B 50 9.77 -0.45 -9.01
N CYS B 51 9.33 0.41 -8.10
CA CYS B 51 9.94 1.73 -7.94
C CYS B 51 10.13 2.16 -6.49
N ARG B 52 9.74 1.30 -5.54
CA ARG B 52 9.90 1.56 -4.11
C ARG B 52 9.00 2.67 -3.55
N GLU B 53 8.04 3.14 -4.35
CA GLU B 53 7.05 4.12 -3.89
C GLU B 53 6.35 3.59 -2.64
N PRO B 54 6.38 4.37 -1.55
CA PRO B 54 5.84 3.93 -0.26
C PRO B 54 4.34 3.67 -0.30
N ALA B 55 3.90 2.73 0.55
CA ALA B 55 2.47 2.38 0.71
C ALA B 55 1.71 2.13 -0.59
N PRO B 56 2.21 1.20 -1.44
CA PRO B 56 1.51 0.85 -2.68
C PRO B 56 0.14 0.25 -2.36
N GLU B 57 -0.84 0.64 -3.17
CA GLU B 57 -2.23 0.28 -2.88
C GLU B 57 -2.80 -0.62 -3.95
N TRP B 58 -1.94 -0.98 -4.89
CA TRP B 58 -2.31 -1.86 -5.97
C TRP B 58 -1.49 -3.12 -5.89
N ALA B 59 -1.84 -4.10 -6.73
CA ALA B 59 -1.21 -5.40 -6.65
C ALA B 59 -1.23 -6.08 -7.99
N SER B 60 -0.29 -7.00 -8.19
CA SER B 60 -0.39 -7.98 -9.26
C SER B 60 -0.67 -9.33 -8.61
N ILE B 61 -1.76 -9.99 -8.99
CA ILE B 61 -2.20 -11.20 -8.29
C ILE B 61 -1.70 -12.50 -8.92
N ASN B 62 -1.15 -12.42 -10.13
CA ASN B 62 -0.48 -13.56 -10.71
C ASN B 62 0.99 -13.55 -10.32
N LEU B 63 1.53 -12.35 -10.17
CA LEU B 63 2.91 -12.16 -9.71
C LEU B 63 3.04 -12.20 -8.20
N GLY B 64 2.01 -11.74 -7.49
CA GLY B 64 2.02 -11.74 -6.02
C GLY B 64 2.78 -10.58 -5.41
N VAL B 65 2.66 -9.41 -6.03
CA VAL B 65 3.42 -8.20 -5.63
C VAL B 65 2.50 -7.00 -5.43
N THR B 66 2.96 -6.03 -4.63
CA THR B 66 2.29 -4.74 -4.45
C THR B 66 2.90 -3.64 -5.33
N LEU B 67 2.05 -2.76 -5.86
CA LEU B 67 2.47 -1.75 -6.83
C LEU B 67 1.84 -0.40 -6.50
N CYS B 68 2.57 0.68 -6.79
CA CYS B 68 2.02 2.03 -6.64
C CYS B 68 1.06 2.33 -7.80
N ILE B 69 0.40 3.47 -7.76
CA ILE B 69 -0.57 3.86 -8.80
C ILE B 69 0.08 3.91 -10.18
N GLN B 70 1.28 4.48 -10.25
CA GLN B 70 1.97 4.64 -11.53
C GLN B 70 2.37 3.30 -12.14
N CYS B 71 2.98 2.45 -11.32
CA CYS B 71 3.50 1.18 -11.81
C CYS B 71 2.39 0.19 -12.14
N SER B 72 1.28 0.26 -11.42
CA SER B 72 0.14 -0.61 -11.70
C SER B 72 -0.49 -0.22 -13.04
N GLY B 73 -0.51 1.09 -13.32
CA GLY B 73 -0.92 1.61 -14.62
C GLY B 73 -0.10 1.03 -15.75
N ILE B 74 1.21 0.90 -15.55
CA ILE B 74 2.11 0.27 -16.52
C ILE B 74 1.85 -1.23 -16.66
N HIS B 75 1.74 -1.94 -15.53
CA HIS B 75 1.33 -3.35 -15.53
C HIS B 75 0.05 -3.57 -16.30
N ARG B 76 -0.92 -2.65 -16.17
CA ARG B 76 -2.15 -2.70 -16.97
C ARG B 76 -1.88 -2.88 -18.46
N SER B 77 -0.88 -2.18 -18.98
CA SER B 77 -0.61 -2.14 -20.42
C SER B 77 0.09 -3.38 -20.96
N LEU B 78 0.75 -4.13 -20.07
CA LEU B 78 1.47 -5.34 -20.45
C LEU B 78 0.54 -6.43 -21.02
N GLY B 79 -0.68 -6.50 -20.49
CA GLY B 79 -1.61 -7.56 -20.81
C GLY B 79 -1.84 -8.43 -19.59
N VAL B 80 -2.90 -9.25 -19.64
CA VAL B 80 -3.23 -10.15 -18.53
C VAL B 80 -2.26 -11.33 -18.45
N HIS B 81 -1.64 -11.67 -19.58
CA HIS B 81 -0.63 -12.71 -19.65
C HIS B 81 0.55 -12.40 -18.77
N PHE B 82 0.90 -11.12 -18.67
CA PHE B 82 2.04 -10.72 -17.86
C PHE B 82 1.63 -10.29 -16.47
N SER B 83 0.50 -9.56 -16.37
CA SER B 83 0.09 -9.03 -15.07
C SER B 83 -1.40 -8.86 -14.92
N LYS B 84 -1.89 -9.27 -13.75
CA LYS B 84 -3.29 -9.11 -13.38
C LYS B 84 -3.33 -8.14 -12.21
N VAL B 85 -3.71 -6.90 -12.51
CA VAL B 85 -3.68 -5.81 -11.57
C VAL B 85 -5.00 -5.66 -10.84
N ARG B 86 -4.89 -5.51 -9.52
CA ARG B 86 -6.05 -5.35 -8.65
C ARG B 86 -5.77 -4.27 -7.60
N SER B 87 -6.84 -3.67 -7.10
CA SER B 87 -6.73 -2.68 -6.04
C SER B 87 -6.89 -3.35 -4.69
N LEU B 88 -6.00 -3.00 -3.76
CA LEU B 88 -6.05 -3.53 -2.41
C LEU B 88 -7.20 -2.91 -1.61
N THR B 89 -7.63 -1.73 -2.01
CA THR B 89 -8.64 -0.99 -1.29
C THR B 89 -10.00 -1.00 -1.99
N LEU B 90 -10.00 -1.06 -3.31
CA LEU B 90 -11.24 -0.90 -4.11
C LEU B 90 -11.83 -2.20 -4.65
N ASP B 91 -11.05 -3.28 -4.68
CA ASP B 91 -11.51 -4.58 -5.19
C ASP B 91 -11.84 -5.54 -4.05
N SER B 92 -12.68 -6.53 -4.37
CA SER B 92 -12.95 -7.65 -3.45
C SER B 92 -11.81 -8.65 -3.50
N TRP B 93 -11.52 -9.26 -2.36
CA TRP B 93 -10.46 -10.24 -2.25
C TRP B 93 -10.97 -11.48 -1.56
N GLU B 94 -10.83 -12.61 -2.23
CA GLU B 94 -11.14 -13.90 -1.64
C GLU B 94 -10.08 -14.16 -0.58
N PRO B 95 -10.47 -14.80 0.55
CA PRO B 95 -9.50 -15.16 1.59
C PRO B 95 -8.26 -15.88 1.04
N GLU B 96 -8.47 -16.89 0.18
CA GLU B 96 -7.37 -17.63 -0.41
C GLU B 96 -6.37 -16.73 -1.16
N LEU B 97 -6.89 -15.70 -1.82
CA LEU B 97 -6.05 -14.81 -2.61
C LEU B 97 -5.21 -13.89 -1.72
N VAL B 98 -5.79 -13.45 -0.61
CA VAL B 98 -5.05 -12.65 0.39
C VAL B 98 -3.94 -13.53 0.97
N LYS B 99 -4.28 -14.79 1.25
CA LYS B 99 -3.35 -15.77 1.79
C LYS B 99 -2.19 -15.99 0.82
N LEU B 100 -2.49 -16.04 -0.47
CA LEU B 100 -1.47 -16.24 -1.51
C LEU B 100 -0.48 -15.08 -1.58
N MET B 101 -1.00 -13.86 -1.48
CA MET B 101 -0.16 -12.66 -1.45
C MET B 101 0.82 -12.70 -0.26
N CYS B 102 0.36 -13.28 0.85
CA CYS B 102 1.19 -13.34 2.07
C CYS B 102 2.28 -14.40 2.03
N GLU B 103 2.20 -15.31 1.07
CA GLU B 103 3.25 -16.31 0.87
C GLU B 103 4.24 -15.88 -0.20
N LEU B 104 3.90 -14.81 -0.93
CA LEU B 104 4.81 -14.27 -1.94
C LEU B 104 5.34 -12.92 -1.46
N GLY B 105 5.07 -11.85 -2.19
CA GLY B 105 5.51 -10.53 -1.78
C GLY B 105 6.77 -10.03 -2.49
N ASN B 106 7.03 -8.73 -2.33
CA ASN B 106 8.01 -8.03 -3.12
C ASN B 106 9.43 -8.54 -2.94
N VAL B 107 9.79 -8.86 -1.70
CA VAL B 107 11.12 -9.37 -1.42
C VAL B 107 11.37 -10.70 -2.15
N ILE B 108 10.43 -11.64 -2.00
N ILE B 108 10.42 -11.64 -2.01
CA ILE B 108 10.53 -12.95 -2.66
CA ILE B 108 10.52 -12.94 -2.66
C ILE B 108 10.53 -12.84 -4.18
C ILE B 108 10.53 -12.84 -4.18
N ILE B 109 9.59 -12.09 -4.75
CA ILE B 109 9.48 -11.93 -6.21
C ILE B 109 10.63 -11.11 -6.83
N ASN B 110 11.15 -10.15 -6.07
CA ASN B 110 12.35 -9.43 -6.49
C ASN B 110 13.62 -10.25 -6.44
N GLN B 111 13.67 -11.23 -5.53
CA GLN B 111 14.80 -12.17 -5.49
C GLN B 111 14.86 -12.98 -6.79
N ILE B 112 13.72 -13.10 -7.47
CA ILE B 112 13.63 -13.77 -8.75
C ILE B 112 13.81 -12.79 -9.91
N TYR B 113 12.93 -11.80 -10.01
CA TYR B 113 12.89 -10.91 -11.17
C TYR B 113 13.97 -9.81 -11.21
N GLU B 114 14.65 -9.61 -10.08
CA GLU B 114 15.71 -8.63 -9.97
C GLU B 114 16.99 -9.27 -9.45
N ALA B 115 17.10 -10.57 -9.68
CA ALA B 115 18.16 -11.39 -9.10
C ALA B 115 19.55 -10.91 -9.51
N ARG B 116 19.67 -10.46 -10.75
CA ARG B 116 20.97 -10.10 -11.32
C ARG B 116 21.17 -8.60 -11.49
N VAL B 117 20.31 -7.80 -10.84
CA VAL B 117 20.40 -6.34 -10.90
C VAL B 117 21.74 -5.82 -10.36
N GLU B 118 22.15 -6.35 -9.21
CA GLU B 118 23.40 -5.99 -8.58
C GLU B 118 24.58 -6.35 -9.48
N ALA B 119 24.60 -7.60 -9.94
CA ALA B 119 25.68 -8.11 -10.78
C ALA B 119 25.78 -7.39 -12.12
N MET B 120 24.63 -7.06 -12.71
CA MET B 120 24.57 -6.32 -13.96
C MET B 120 24.87 -4.83 -13.79
N ALA B 121 24.83 -4.35 -12.54
CA ALA B 121 25.07 -2.94 -12.20
C ALA B 121 24.11 -1.96 -12.88
N VAL B 122 22.86 -2.39 -13.06
CA VAL B 122 21.83 -1.55 -13.66
C VAL B 122 21.02 -0.88 -12.53
N LYS B 123 20.48 0.31 -12.79
CA LYS B 123 19.82 1.08 -11.74
C LYS B 123 18.30 1.01 -11.76
N LYS B 124 17.76 0.44 -10.67
CA LYS B 124 16.33 0.39 -10.43
C LYS B 124 15.78 1.81 -10.29
N PRO B 125 14.63 2.11 -10.92
CA PRO B 125 14.04 3.45 -10.75
C PRO B 125 13.66 3.70 -9.30
N GLY B 126 13.66 4.97 -8.90
CA GLY B 126 13.15 5.38 -7.59
C GLY B 126 11.74 5.93 -7.73
N PRO B 127 11.09 6.29 -6.61
CA PRO B 127 9.70 6.73 -6.65
C PRO B 127 9.44 7.92 -7.59
N SER B 128 10.43 8.80 -7.70
CA SER B 128 10.32 10.06 -8.44
C SER B 128 10.79 10.02 -9.91
N CYS B 129 11.14 8.84 -10.39
CA CYS B 129 11.53 8.68 -11.80
C CYS B 129 10.32 8.80 -12.71
N SER B 130 10.57 9.12 -13.98
CA SER B 130 9.50 9.35 -14.96
C SER B 130 8.78 8.04 -15.32
N ARG B 131 7.57 8.18 -15.86
CA ARG B 131 6.82 7.03 -16.34
C ARG B 131 7.60 6.26 -17.40
N GLN B 132 8.34 6.99 -18.23
CA GLN B 132 9.14 6.39 -19.30
C GLN B 132 10.18 5.43 -18.73
N GLU B 133 10.95 5.89 -17.75
CA GLU B 133 11.98 5.06 -17.12
C GLU B 133 11.37 3.87 -16.39
N LYS B 134 10.23 4.08 -15.74
CA LYS B 134 9.49 2.99 -15.10
C LYS B 134 8.92 1.99 -16.10
N GLU B 135 8.37 2.48 -17.22
CA GLU B 135 7.90 1.61 -18.31
C GLU B 135 9.01 0.69 -18.79
N ALA B 136 10.16 1.29 -19.10
CA ALA B 136 11.33 0.56 -19.58
C ALA B 136 11.85 -0.46 -18.56
N TRP B 137 11.85 -0.08 -17.28
CA TRP B 137 12.27 -1.01 -16.23
C TRP B 137 11.34 -2.18 -16.13
N ILE B 138 10.04 -1.89 -16.12
CA ILE B 138 9.01 -2.93 -16.00
C ILE B 138 9.02 -3.86 -17.21
N HIS B 139 9.20 -3.29 -18.41
CA HIS B 139 9.28 -4.11 -19.63
C HIS B 139 10.47 -5.03 -19.58
N ALA B 140 11.63 -4.50 -19.21
CA ALA B 140 12.86 -5.30 -19.09
C ALA B 140 12.72 -6.40 -18.01
N LYS B 141 12.07 -6.04 -16.91
CA LYS B 141 11.91 -6.93 -15.75
C LYS B 141 10.98 -8.13 -16.01
N TYR B 142 9.76 -7.87 -16.47
CA TYR B 142 8.74 -8.91 -16.58
C TYR B 142 8.55 -9.48 -18.00
N VAL B 143 8.76 -8.66 -19.02
CA VAL B 143 8.58 -9.09 -20.41
C VAL B 143 9.88 -9.63 -21.00
N GLU B 144 10.93 -8.80 -21.00
CA GLU B 144 12.25 -9.20 -21.46
C GLU B 144 12.95 -10.17 -20.51
N LYS B 145 12.54 -10.15 -19.23
CA LYS B 145 13.11 -10.99 -18.17
C LYS B 145 14.64 -10.86 -18.08
N LYS B 146 15.07 -9.60 -18.18
CA LYS B 146 16.46 -9.21 -18.34
C LYS B 146 17.36 -9.56 -17.14
N PHE B 147 16.77 -9.57 -15.94
CA PHE B 147 17.54 -9.71 -14.70
C PHE B 147 17.42 -11.08 -14.03
N LEU B 148 16.84 -12.05 -14.75
CA LEU B 148 16.70 -13.41 -14.24
C LEU B 148 18.03 -14.16 -14.17
N THR B 149 18.13 -15.11 -13.24
CA THR B 149 19.24 -16.07 -13.25
C THR B 149 19.07 -16.98 -14.46
N LYS B 150 20.13 -17.71 -14.83
CA LYS B 150 20.01 -18.67 -15.93
C LYS B 150 19.06 -19.81 -15.55
N LEU B 151 19.19 -20.30 -14.31
CA LEU B 151 18.41 -21.44 -13.80
C LEU B 151 17.65 -21.04 -12.54
N PRO B 152 16.47 -21.66 -12.28
CA PRO B 152 15.66 -21.25 -11.12
C PRO B 152 16.20 -21.73 -9.77
N LEU B 197 17.21 -26.09 -14.89
CA LEU B 197 17.43 -26.71 -16.19
C LEU B 197 16.14 -27.31 -16.77
N HIS B 198 15.20 -27.62 -15.87
CA HIS B 198 13.88 -28.13 -16.27
C HIS B 198 12.78 -27.42 -15.54
N PRO B 199 12.40 -26.22 -16.01
CA PRO B 199 11.44 -25.35 -15.30
C PRO B 199 10.08 -26.00 -15.07
N GLY B 200 9.55 -26.69 -16.08
CA GLY B 200 8.26 -27.36 -16.00
C GLY B 200 8.19 -28.46 -14.96
N ALA B 201 9.26 -29.24 -14.86
CA ALA B 201 9.37 -30.31 -13.87
C ALA B 201 9.57 -29.74 -12.47
N LEU B 202 10.30 -28.62 -12.39
CA LEU B 202 10.51 -27.93 -11.12
C LEU B 202 9.17 -27.41 -10.59
N LEU B 203 8.39 -26.78 -11.46
CA LEU B 203 7.03 -26.36 -11.14
C LEU B 203 6.18 -27.56 -10.68
N PHE B 204 6.30 -28.69 -11.35
CA PHE B 204 5.56 -29.89 -10.96
C PHE B 204 5.92 -30.32 -9.53
N ARG B 205 7.22 -30.40 -9.24
CA ARG B 205 7.71 -30.81 -7.93
C ARG B 205 7.31 -29.84 -6.83
N ALA B 206 7.50 -28.55 -7.10
CA ALA B 206 7.23 -27.48 -6.14
C ALA B 206 5.74 -27.34 -5.82
N SER B 207 4.89 -27.84 -6.71
CA SER B 207 3.44 -27.79 -6.52
C SER B 207 2.95 -28.89 -5.59
N GLY B 208 3.76 -29.93 -5.42
CA GLY B 208 3.40 -31.09 -4.60
C GLY B 208 3.58 -30.81 -3.13
N HIS B 209 3.21 -31.77 -2.29
CA HIS B 209 3.31 -31.60 -0.85
C HIS B 209 4.75 -31.76 -0.38
N PRO B 210 5.26 -30.82 0.44
CA PRO B 210 4.68 -29.53 0.83
C PRO B 210 5.04 -28.46 -0.22
N PRO B 211 4.03 -27.71 -0.70
CA PRO B 211 4.29 -26.80 -1.82
C PRO B 211 5.20 -25.63 -1.47
N SER B 212 6.11 -25.31 -2.38
CA SER B 212 6.89 -24.10 -2.27
C SER B 212 6.41 -23.11 -3.31
N LEU B 213 5.69 -22.10 -2.85
CA LEU B 213 5.21 -21.04 -3.73
C LEU B 213 6.37 -20.17 -4.28
N PRO B 214 7.39 -19.87 -3.46
CA PRO B 214 8.55 -19.18 -4.04
C PRO B 214 9.23 -19.96 -5.17
N THR B 215 9.30 -21.29 -5.04
CA THR B 215 9.90 -22.11 -6.11
C THR B 215 9.01 -22.14 -7.36
N MET B 216 7.70 -22.27 -7.15
CA MET B 216 6.73 -22.23 -8.25
C MET B 216 6.86 -20.93 -9.01
N ALA B 217 6.97 -19.83 -8.26
CA ALA B 217 7.14 -18.51 -8.84
C ALA B 217 8.44 -18.44 -9.64
N ASP B 218 9.51 -18.98 -9.07
CA ASP B 218 10.81 -19.02 -9.72
C ASP B 218 10.73 -19.83 -11.01
N ALA B 219 10.05 -20.98 -10.96
CA ALA B 219 9.89 -21.84 -12.12
C ALA B 219 9.08 -21.16 -13.23
N LEU B 220 7.98 -20.51 -12.85
CA LEU B 220 7.15 -19.76 -13.80
C LEU B 220 7.90 -18.58 -14.44
N ALA B 221 8.73 -17.90 -13.66
CA ALA B 221 9.55 -16.81 -14.19
C ALA B 221 10.49 -17.31 -15.28
N HIS B 222 11.01 -18.52 -15.10
CA HIS B 222 11.92 -19.14 -16.06
C HIS B 222 11.25 -19.93 -17.15
N GLY B 223 9.96 -19.67 -17.38
CA GLY B 223 9.27 -20.18 -18.55
C GLY B 223 8.58 -21.54 -18.40
N ALA B 224 8.39 -21.97 -17.16
CA ALA B 224 7.65 -23.20 -16.87
C ALA B 224 6.26 -23.16 -17.49
N ASP B 225 5.92 -24.20 -18.23
CA ASP B 225 4.57 -24.37 -18.74
C ASP B 225 3.69 -24.63 -17.53
N VAL B 226 2.68 -23.79 -17.35
CA VAL B 226 1.79 -23.90 -16.19
C VAL B 226 0.91 -25.15 -16.28
N ASN B 227 0.75 -25.69 -17.49
CA ASN B 227 0.02 -26.95 -17.74
C ASN B 227 0.95 -28.09 -18.15
N TRP B 228 2.17 -28.09 -17.59
CA TRP B 228 3.19 -29.11 -17.87
C TRP B 228 2.69 -30.49 -17.59
N VAL B 229 2.93 -31.39 -18.54
CA VAL B 229 2.46 -32.77 -18.44
C VAL B 229 3.62 -33.69 -18.03
N ASN B 230 3.44 -34.38 -16.90
CA ASN B 230 4.38 -35.39 -16.47
C ASN B 230 4.19 -36.65 -17.33
N GLY B 231 4.82 -36.64 -18.51
CA GLY B 231 4.59 -37.64 -19.56
C GLY B 231 5.38 -38.91 -19.37
N GLY B 232 5.08 -39.92 -20.19
CA GLY B 232 5.59 -41.28 -19.99
C GLY B 232 5.09 -41.83 -18.65
N GLN B 233 4.87 -40.91 -17.71
CA GLN B 233 4.49 -41.19 -16.33
C GLN B 233 2.98 -41.33 -16.18
N ASP B 234 2.36 -40.40 -15.45
CA ASP B 234 0.90 -40.43 -15.20
C ASP B 234 0.12 -39.31 -15.89
N ASN B 235 0.85 -38.43 -16.58
CA ASN B 235 0.33 -37.23 -17.27
C ASN B 235 -0.30 -36.17 -16.36
N ALA B 236 0.08 -36.19 -15.09
CA ALA B 236 -0.46 -35.24 -14.13
C ALA B 236 0.21 -33.88 -14.28
N THR B 237 -0.49 -32.84 -13.83
CA THR B 237 -0.08 -31.47 -14.01
C THR B 237 0.31 -30.87 -12.66
N PRO B 238 0.95 -29.70 -12.66
CA PRO B 238 1.14 -28.97 -11.40
C PRO B 238 -0.16 -28.82 -10.62
N LEU B 239 -1.25 -28.49 -11.30
CA LEU B 239 -2.56 -28.29 -10.65
C LEU B 239 -3.08 -29.57 -9.98
N ILE B 240 -2.99 -30.68 -10.70
CA ILE B 240 -3.38 -31.98 -10.15
C ILE B 240 -2.45 -32.33 -8.97
N GLN B 241 -1.19 -31.96 -9.09
CA GLN B 241 -0.23 -32.13 -8.01
C GLN B 241 -0.61 -31.30 -6.76
N ALA B 242 -0.98 -30.04 -6.96
CA ALA B 242 -1.43 -29.16 -5.86
C ALA B 242 -2.72 -29.64 -5.20
N THR B 243 -3.57 -30.31 -5.97
CA THR B 243 -4.80 -30.89 -5.48
C THR B 243 -4.50 -32.09 -4.58
N ALA B 244 -3.63 -32.99 -5.04
CA ALA B 244 -3.14 -34.09 -4.21
C ALA B 244 -2.51 -33.58 -2.92
N ALA B 245 -1.91 -32.38 -3.00
CA ALA B 245 -1.28 -31.73 -1.86
C ALA B 245 -2.29 -31.02 -0.96
N ASN B 246 -3.54 -30.92 -1.41
CA ASN B 246 -4.59 -30.22 -0.66
C ASN B 246 -4.19 -28.79 -0.31
N SER B 247 -3.57 -28.11 -1.28
CA SER B 247 -3.05 -26.77 -1.09
C SER B 247 -3.86 -25.78 -1.91
N LEU B 248 -4.78 -25.10 -1.23
CA LEU B 248 -5.60 -24.07 -1.84
C LEU B 248 -4.74 -22.94 -2.41
N LEU B 249 -3.59 -22.71 -1.79
CA LEU B 249 -2.65 -21.66 -2.18
C LEU B 249 -1.91 -21.97 -3.48
N ALA B 250 -1.43 -23.19 -3.63
CA ALA B 250 -0.75 -23.59 -4.87
C ALA B 250 -1.73 -23.64 -6.05
N CYS B 251 -2.94 -24.14 -5.80
CA CYS B 251 -3.98 -24.17 -6.84
C CYS B 251 -4.34 -22.76 -7.27
N GLU B 252 -4.58 -21.89 -6.29
CA GLU B 252 -4.86 -20.49 -6.58
C GLU B 252 -3.74 -19.84 -7.39
N PHE B 253 -2.48 -20.08 -7.00
CA PHE B 253 -1.34 -19.51 -7.70
C PHE B 253 -1.26 -19.97 -9.16
N LEU B 254 -1.49 -21.25 -9.39
CA LEU B 254 -1.45 -21.84 -10.74
C LEU B 254 -2.61 -21.36 -11.61
N LEU B 255 -3.79 -21.27 -11.01
CA LEU B 255 -4.97 -20.76 -11.69
C LEU B 255 -4.77 -19.30 -12.10
N GLN B 256 -4.19 -18.49 -11.22
CA GLN B 256 -3.90 -17.09 -11.53
C GLN B 256 -2.90 -16.97 -12.69
N ASN B 257 -1.99 -17.92 -12.77
CA ASN B 257 -0.98 -17.92 -13.82
C ASN B 257 -1.36 -18.76 -15.04
N GLY B 258 -2.66 -18.95 -15.27
CA GLY B 258 -3.16 -19.55 -16.50
C GLY B 258 -3.35 -21.06 -16.58
N ALA B 259 -3.33 -21.75 -15.44
CA ALA B 259 -3.59 -23.20 -15.44
C ALA B 259 -5.01 -23.49 -15.94
N ASN B 260 -5.09 -24.43 -16.87
CA ASN B 260 -6.34 -24.95 -17.36
C ASN B 260 -6.94 -25.82 -16.26
N VAL B 261 -8.06 -25.38 -15.71
CA VAL B 261 -8.78 -26.08 -14.64
C VAL B 261 -9.39 -27.41 -15.11
N ASN B 262 -9.50 -27.60 -16.43
CA ASN B 262 -10.10 -28.80 -17.02
C ASN B 262 -9.12 -29.81 -17.65
N GLN B 263 -7.81 -29.58 -17.49
CA GLN B 263 -6.83 -30.49 -18.08
C GLN B 263 -6.70 -31.79 -17.27
N ALA B 264 -6.94 -32.92 -17.93
CA ALA B 264 -6.99 -34.20 -17.24
C ALA B 264 -5.71 -35.01 -17.38
N ASP B 265 -5.46 -35.90 -16.42
CA ASP B 265 -4.37 -36.87 -16.50
C ASP B 265 -4.68 -37.98 -17.53
N SER B 266 -3.85 -39.02 -17.56
CA SER B 266 -4.00 -40.14 -18.50
C SER B 266 -5.32 -40.89 -18.38
N ALA B 267 -5.90 -40.87 -17.18
CA ALA B 267 -7.14 -41.61 -16.92
C ALA B 267 -8.39 -40.72 -17.04
N GLY B 268 -8.21 -39.54 -17.64
CA GLY B 268 -9.31 -38.61 -17.87
C GLY B 268 -9.78 -37.87 -16.64
N ARG B 269 -8.98 -37.88 -15.58
CA ARG B 269 -9.31 -37.21 -14.33
C ARG B 269 -8.69 -35.82 -14.29
N GLY B 270 -9.54 -34.81 -14.30
CA GLY B 270 -9.10 -33.44 -14.11
C GLY B 270 -9.01 -33.07 -12.64
N PRO B 271 -8.60 -31.83 -12.34
CA PRO B 271 -8.52 -31.31 -10.96
C PRO B 271 -9.80 -31.50 -10.15
N LEU B 272 -10.96 -31.26 -10.76
CA LEU B 272 -12.22 -31.49 -10.07
C LEU B 272 -12.46 -32.97 -9.70
N HIS B 273 -12.14 -33.90 -10.60
CA HIS B 273 -12.22 -35.35 -10.29
C HIS B 273 -11.34 -35.69 -9.13
N HIS B 274 -10.10 -35.18 -9.14
CA HIS B 274 -9.14 -35.41 -8.08
C HIS B 274 -9.57 -34.85 -6.75
N ALA B 275 -10.16 -33.66 -6.77
CA ALA B 275 -10.62 -33.03 -5.52
C ALA B 275 -11.78 -33.82 -4.91
N THR B 276 -12.65 -34.33 -5.76
CA THR B 276 -13.74 -35.19 -5.32
C THR B 276 -13.21 -36.53 -4.79
N ILE B 277 -12.30 -37.18 -5.53
CA ILE B 277 -11.69 -38.45 -5.09
C ILE B 277 -11.12 -38.34 -3.67
N LEU B 278 -10.42 -37.24 -3.39
CA LEU B 278 -9.72 -37.06 -2.13
C LEU B 278 -10.58 -36.39 -1.07
N GLY B 279 -11.79 -35.99 -1.44
CA GLY B 279 -12.70 -35.29 -0.55
C GLY B 279 -12.23 -33.89 -0.15
N HIS B 280 -11.62 -33.16 -1.09
CA HIS B 280 -11.18 -31.79 -0.81
C HIS B 280 -12.22 -30.78 -1.22
N THR B 281 -13.18 -30.56 -0.31
CA THR B 281 -14.35 -29.72 -0.56
C THR B 281 -14.03 -28.28 -0.97
N GLY B 282 -13.08 -27.65 -0.27
CA GLY B 282 -12.65 -26.29 -0.61
C GLY B 282 -12.06 -26.20 -2.00
N LEU B 283 -11.22 -27.18 -2.36
CA LEU B 283 -10.64 -27.25 -3.70
C LEU B 283 -11.70 -27.46 -4.79
N ALA B 284 -12.61 -28.41 -4.60
CA ALA B 284 -13.69 -28.64 -5.57
C ALA B 284 -14.46 -27.33 -5.76
N CYS B 285 -14.74 -26.69 -4.64
CA CYS B 285 -15.39 -25.40 -4.62
C CYS B 285 -14.60 -24.34 -5.41
N LEU B 286 -13.29 -24.24 -5.16
CA LEU B 286 -12.41 -23.36 -5.92
C LEU B 286 -12.45 -23.63 -7.43
N PHE B 287 -12.47 -24.89 -7.80
CA PHE B 287 -12.45 -25.29 -9.20
C PHE B 287 -13.77 -24.94 -9.91
N LEU B 288 -14.90 -25.25 -9.28
CA LEU B 288 -16.21 -24.90 -9.85
C LEU B 288 -16.35 -23.40 -10.07
N LYS B 289 -15.85 -22.63 -9.11
CA LYS B 289 -15.79 -21.16 -9.23
C LYS B 289 -15.05 -20.71 -10.49
N ARG B 290 -14.09 -21.50 -10.93
CA ARG B 290 -13.23 -21.15 -12.06
C ARG B 290 -13.61 -21.85 -13.36
N GLY B 291 -14.84 -22.34 -13.44
CA GLY B 291 -15.35 -22.94 -14.67
C GLY B 291 -14.87 -24.36 -14.94
N ALA B 292 -14.58 -25.12 -13.90
CA ALA B 292 -14.34 -26.56 -14.07
C ALA B 292 -15.58 -27.19 -14.69
N ASP B 293 -15.39 -28.03 -15.70
CA ASP B 293 -16.48 -28.71 -16.41
C ASP B 293 -17.10 -29.75 -15.49
N LEU B 294 -18.38 -29.55 -15.22
CA LEU B 294 -19.15 -30.32 -14.27
C LEU B 294 -19.48 -31.70 -14.81
N GLY B 295 -19.64 -31.81 -16.12
CA GLY B 295 -20.01 -33.08 -16.75
C GLY B 295 -18.84 -33.87 -17.31
N ALA B 296 -17.62 -33.39 -17.12
CA ALA B 296 -16.44 -34.09 -17.63
C ALA B 296 -16.38 -35.52 -17.07
N ARG B 297 -16.29 -36.49 -17.98
CA ARG B 297 -16.23 -37.91 -17.62
C ARG B 297 -14.83 -38.47 -17.81
N ASP B 298 -14.36 -39.24 -16.82
CA ASP B 298 -13.04 -39.85 -16.87
C ASP B 298 -13.07 -41.17 -17.66
N SER B 299 -11.94 -41.88 -17.71
CA SER B 299 -11.82 -43.14 -18.48
C SER B 299 -12.72 -44.24 -17.95
N GLU B 300 -13.18 -44.09 -16.71
CA GLU B 300 -14.06 -45.06 -16.08
C GLU B 300 -15.52 -44.67 -16.29
N GLY B 301 -15.74 -43.54 -16.95
CA GLY B 301 -17.10 -43.03 -17.21
C GLY B 301 -17.71 -42.21 -16.08
N ARG B 302 -16.90 -41.86 -15.08
CA ARG B 302 -17.40 -41.14 -13.91
C ARG B 302 -17.27 -39.64 -14.09
N ASP B 303 -18.37 -38.92 -13.84
CA ASP B 303 -18.25 -37.49 -13.67
C ASP B 303 -18.01 -37.21 -12.18
N PRO B 304 -17.69 -35.97 -11.80
CA PRO B 304 -17.39 -35.75 -10.38
C PRO B 304 -18.54 -36.13 -9.44
N LEU B 305 -19.78 -35.92 -9.88
CA LEU B 305 -20.94 -36.28 -9.07
C LEU B 305 -20.97 -37.77 -8.71
N THR B 306 -20.69 -38.62 -9.70
CA THR B 306 -20.61 -40.07 -9.51
C THR B 306 -19.61 -40.40 -8.40
N ILE B 307 -18.42 -39.78 -8.48
CA ILE B 307 -17.37 -40.00 -7.48
C ILE B 307 -17.81 -39.51 -6.10
N ALA B 308 -18.48 -38.36 -6.05
CA ALA B 308 -18.97 -37.80 -4.78
C ALA B 308 -20.02 -38.70 -4.11
N MET B 309 -20.86 -39.33 -4.93
CA MET B 309 -21.85 -40.29 -4.42
C MET B 309 -21.18 -41.56 -3.92
N GLU B 310 -20.32 -42.13 -4.76
CA GLU B 310 -19.60 -43.37 -4.45
C GLU B 310 -18.68 -43.25 -3.23
N THR B 311 -18.13 -42.07 -2.98
CA THR B 311 -17.33 -41.87 -1.79
C THR B 311 -18.19 -41.35 -0.63
N ALA B 312 -19.50 -41.33 -0.84
CA ALA B 312 -20.48 -40.89 0.16
C ALA B 312 -20.13 -39.52 0.77
N ASN B 313 -19.86 -38.56 -0.10
CA ASN B 313 -19.54 -37.20 0.33
C ASN B 313 -20.70 -36.24 0.07
N ALA B 314 -21.53 -36.04 1.08
CA ALA B 314 -22.72 -35.20 0.99
C ALA B 314 -22.42 -33.74 0.59
N ASP B 315 -21.38 -33.14 1.17
CA ASP B 315 -21.04 -31.75 0.86
C ASP B 315 -20.70 -31.53 -0.62
N ILE B 316 -19.90 -32.43 -1.17
CA ILE B 316 -19.46 -32.29 -2.55
C ILE B 316 -20.59 -32.61 -3.53
N VAL B 317 -21.44 -33.58 -3.18
CA VAL B 317 -22.66 -33.85 -3.93
C VAL B 317 -23.50 -32.59 -4.04
N THR B 318 -23.70 -31.93 -2.89
CA THR B 318 -24.48 -30.69 -2.79
C THR B 318 -23.86 -29.58 -3.64
N LEU B 319 -22.55 -29.38 -3.48
CA LEU B 319 -21.81 -28.38 -4.27
C LEU B 319 -22.04 -28.57 -5.76
N LEU B 320 -21.88 -29.81 -6.21
CA LEU B 320 -22.01 -30.15 -7.63
C LEU B 320 -23.42 -29.96 -8.15
N ARG B 321 -24.41 -30.29 -7.33
CA ARG B 321 -25.82 -30.14 -7.70
C ARG B 321 -26.24 -28.70 -7.79
N LEU B 322 -25.74 -27.88 -6.87
CA LEU B 322 -26.02 -26.44 -6.87
C LEU B 322 -25.32 -25.78 -8.04
N ALA B 323 -24.06 -26.16 -8.26
CA ALA B 323 -23.33 -25.69 -9.45
C ALA B 323 -24.05 -26.07 -10.74
N LYS B 324 -24.59 -27.29 -10.80
CA LYS B 324 -25.39 -27.74 -11.95
C LYS B 324 -26.63 -26.86 -12.14
N MET B 325 -27.29 -26.52 -11.04
CA MET B 325 -28.36 -25.54 -11.05
C MET B 325 -27.77 -24.14 -11.20
#